data_7O97
#
_entry.id   7O97
#
_cell.length_a   37.203
_cell.length_b   37.203
_cell.length_c   120.707
_cell.angle_alpha   90.000
_cell.angle_beta   90.000
_cell.angle_gamma   120.000
#
_symmetry.space_group_name_H-M   'P 3'
#
loop_
_entity.id
_entity.type
_entity.pdbx_description
1 polymer 'hypothetical protein UY81_C0065G0003 from Candidatus Giovannonibacteria bacterium converted into a canonical coiled coil'
2 water water
#
_entity_poly.entity_id   1
_entity_poly.type   'polypeptide(L)'
_entity_poly.pdbx_seq_one_letter_code
;GHMKKPITLEKLVSMVAVGFAETKAETATIKAETATIKKDIAGMKHDIAQLDKRIDGLDKKIADLVDRIGRVESKLDRAL
NKEVAAWKVSSAS
;
_entity_poly.pdbx_strand_id   A,B
#
# COMPACT_ATOMS: atom_id res chain seq x y z
N LYS A 5 -1.61 -34.98 -70.17
CA LYS A 5 -1.82 -35.57 -68.81
C LYS A 5 -2.91 -36.71 -68.77
N PRO A 6 -2.60 -37.88 -69.39
CA PRO A 6 -3.59 -38.98 -69.38
C PRO A 6 -3.54 -39.69 -67.99
N ILE A 7 -3.96 -38.98 -66.93
CA ILE A 7 -3.82 -39.45 -65.53
C ILE A 7 -4.56 -40.76 -65.29
N THR A 8 -3.79 -41.79 -64.93
CA THR A 8 -4.26 -43.17 -64.93
C THR A 8 -4.67 -43.58 -63.51
N LEU A 9 -5.42 -44.67 -63.46
CA LEU A 9 -5.70 -45.52 -62.25
C LEU A 9 -4.48 -45.86 -61.37
N GLU A 10 -3.41 -46.53 -61.85
CA GLU A 10 -2.30 -46.82 -60.89
C GLU A 10 -1.66 -45.57 -60.38
N LYS A 11 -1.65 -44.52 -61.17
CA LYS A 11 -1.16 -43.25 -60.68
C LYS A 11 -2.00 -42.63 -59.51
N LEU A 12 -3.32 -42.63 -59.66
CA LEU A 12 -4.15 -42.12 -58.62
C LEU A 12 -4.07 -43.03 -57.43
N VAL A 13 -4.02 -44.33 -57.64
CA VAL A 13 -3.64 -45.25 -56.52
C VAL A 13 -2.52 -44.74 -55.73
N SER A 14 -1.39 -44.33 -56.40
CA SER A 14 -0.24 -43.86 -55.65
C SER A 14 -0.49 -42.57 -55.05
N MET A 15 -1.16 -41.69 -55.80
CA MET A 15 -1.52 -40.37 -55.21
C MET A 15 -2.39 -40.45 -53.99
N VAL A 16 -3.35 -41.37 -54.05
CA VAL A 16 -4.17 -41.61 -52.85
C VAL A 16 -3.33 -42.08 -51.66
N ALA A 17 -2.54 -43.16 -51.90
CA ALA A 17 -1.65 -43.58 -50.82
C ALA A 17 -0.83 -42.49 -50.13
N VAL A 18 -0.02 -41.74 -50.91
CA VAL A 18 0.85 -40.76 -50.39
C VAL A 18 0.02 -39.62 -49.81
N GLY A 19 -1.16 -39.33 -50.38
CA GLY A 19 -1.91 -38.21 -49.80
C GLY A 19 -2.43 -38.43 -48.48
N PHE A 20 -2.96 -39.65 -48.32
CA PHE A 20 -3.38 -40.08 -47.03
C PHE A 20 -2.28 -40.17 -46.04
N ALA A 21 -1.19 -40.80 -46.42
CA ALA A 21 -0.10 -40.86 -45.43
C ALA A 21 0.29 -39.46 -44.95
N GLU A 22 0.44 -38.51 -45.89
CA GLU A 22 0.64 -37.14 -45.50
C GLU A 22 -0.37 -36.63 -44.48
N THR A 23 -1.61 -36.73 -44.87
CA THR A 23 -2.58 -36.13 -44.00
C THR A 23 -2.59 -36.81 -42.68
N LYS A 24 -2.33 -38.10 -42.68
CA LYS A 24 -2.21 -38.83 -41.43
C LYS A 24 -1.00 -38.36 -40.63
N ALA A 25 0.10 -38.21 -41.34
CA ALA A 25 1.36 -37.77 -40.61
C ALA A 25 1.19 -36.37 -39.98
N GLU A 26 0.44 -35.50 -40.68
CA GLU A 26 0.19 -34.16 -40.19
C GLU A 26 -0.71 -34.13 -38.99
N THR A 27 -1.81 -34.87 -39.12
CA THR A 27 -2.63 -35.25 -37.94
C THR A 27 -1.88 -35.72 -36.72
N ALA A 28 -1.02 -36.72 -36.90
CA ALA A 28 -0.21 -37.16 -35.78
C ALA A 28 0.58 -36.05 -35.17
N THR A 29 1.12 -35.13 -36.00
CA THR A 29 1.89 -33.96 -35.44
C THR A 29 0.99 -33.14 -34.56
N ILE A 30 -0.22 -32.91 -35.03
CA ILE A 30 -1.16 -32.10 -34.22
C ILE A 30 -1.53 -32.81 -32.94
N LYS A 31 -1.68 -34.12 -33.03
CA LYS A 31 -1.98 -34.91 -31.84
C LYS A 31 -0.90 -34.77 -30.81
N ALA A 32 0.38 -34.95 -31.22
CA ALA A 32 1.52 -34.78 -30.32
C ALA A 32 1.57 -33.41 -29.66
N GLU A 33 1.45 -32.36 -30.47
CA GLU A 33 1.44 -31.01 -29.90
C GLU A 33 0.30 -30.85 -28.87
N THR A 34 -0.85 -31.41 -29.18
CA THR A 34 -2.02 -31.39 -28.33
C THR A 34 -1.71 -32.11 -27.07
N ALA A 35 -1.05 -33.24 -27.16
CA ALA A 35 -0.63 -33.93 -25.93
C ALA A 35 0.31 -33.10 -25.08
N THR A 36 1.30 -32.45 -25.68
CA THR A 36 2.22 -31.60 -24.88
C THR A 36 1.51 -30.36 -24.30
N ILE A 37 0.47 -29.88 -24.95
CA ILE A 37 -0.30 -28.77 -24.44
C ILE A 37 -1.08 -29.21 -23.22
N LYS A 38 -1.71 -30.36 -23.32
CA LYS A 38 -2.38 -30.97 -22.16
C LYS A 38 -1.46 -31.06 -20.96
N LYS A 39 -0.25 -31.54 -21.19
CA LYS A 39 0.67 -31.71 -20.11
C LYS A 39 1.02 -30.32 -19.55
N ASP A 40 1.30 -29.31 -20.39
CA ASP A 40 1.59 -27.92 -19.86
C ASP A 40 0.47 -27.40 -18.96
N ILE A 41 -0.75 -27.64 -19.38
CA ILE A 41 -1.90 -27.23 -18.62
C ILE A 41 -2.03 -27.95 -17.29
N ALA A 42 -1.77 -29.26 -17.24
CA ALA A 42 -1.77 -30.02 -15.96
C ALA A 42 -0.78 -29.38 -14.98
N GLY A 43 0.37 -28.97 -15.51
CA GLY A 43 1.38 -28.31 -14.73
C GLY A 43 0.95 -26.93 -14.26
N MET A 44 0.15 -26.23 -15.06
CA MET A 44 -0.22 -24.85 -14.77
C MET A 44 -1.32 -24.86 -13.71
N LYS A 45 -2.28 -25.76 -13.88
CA LYS A 45 -3.29 -25.98 -12.85
C LYS A 45 -2.67 -26.29 -11.48
N HIS A 46 -1.54 -26.99 -11.48
CA HIS A 46 -0.82 -27.33 -10.25
C HIS A 46 -0.17 -26.11 -9.69
N ASP A 47 0.52 -25.32 -10.52
CA ASP A 47 1.13 -24.05 -10.07
C ASP A 47 0.07 -23.09 -9.49
N ILE A 48 -1.11 -23.01 -10.09
CA ILE A 48 -2.20 -22.15 -9.59
C ILE A 48 -2.66 -22.64 -8.17
N ALA A 49 -2.87 -23.95 -8.06
CA ALA A 49 -3.26 -24.58 -6.79
C ALA A 49 -2.24 -24.37 -5.68
N GLN A 50 -0.96 -24.41 -6.03
CA GLN A 50 0.15 -24.07 -5.08
C GLN A 50 0.17 -22.60 -4.67
N LEU A 51 -0.09 -21.71 -5.62
CA LEU A 51 -0.22 -20.29 -5.31
C LEU A 51 -1.41 -20.09 -4.40
N ASP A 52 -2.57 -20.68 -4.72
CA ASP A 52 -3.72 -20.64 -3.84
C ASP A 52 -3.30 -21.03 -2.38
N LYS A 53 -2.54 -22.12 -2.26
CA LYS A 53 -2.00 -22.61 -0.97
C LYS A 53 -1.14 -21.53 -0.26
N ARG A 54 -0.18 -20.94 -0.98
CA ARG A 54 0.70 -19.92 -0.40
C ARG A 54 -0.08 -18.79 0.17
N ILE A 55 -1.08 -18.36 -0.59
CA ILE A 55 -1.93 -17.27 -0.19
C ILE A 55 -2.75 -17.68 1.06
N ASP A 56 -3.25 -18.91 1.11
CA ASP A 56 -3.94 -19.43 2.33
C ASP A 56 -3.00 -19.23 3.53
N GLY A 57 -1.73 -19.60 3.37
CA GLY A 57 -0.70 -19.35 4.38
C GLY A 57 -0.51 -17.90 4.84
N LEU A 58 -0.53 -16.97 3.91
CA LEU A 58 -0.48 -15.54 4.23
C LEU A 58 -1.77 -15.02 4.88
N ASP A 59 -2.93 -15.51 4.47
CA ASP A 59 -4.17 -15.16 5.16
C ASP A 59 -4.07 -15.46 6.65
N LYS A 60 -3.50 -16.62 6.98
CA LYS A 60 -3.35 -17.02 8.36
C LYS A 60 -2.34 -16.13 9.08
N LYS A 61 -1.20 -15.83 8.47
CA LYS A 61 -0.23 -14.99 9.14
C LYS A 61 -0.79 -13.62 9.37
N ILE A 62 -1.50 -13.09 8.38
CA ILE A 62 -2.17 -11.81 8.50
C ILE A 62 -3.21 -11.80 9.64
N ALA A 63 -4.02 -12.85 9.77
CA ALA A 63 -4.93 -12.94 10.92
C ALA A 63 -4.14 -12.76 12.23
N ASP A 64 -2.98 -13.43 12.30
CA ASP A 64 -2.12 -13.42 13.48
C ASP A 64 -1.58 -12.04 13.79
N LEU A 65 -1.07 -11.35 12.79
CA LEU A 65 -0.53 -10.01 13.00
C LEU A 65 -1.62 -9.01 13.38
N VAL A 66 -2.79 -9.10 12.79
CA VAL A 66 -3.88 -8.22 13.17
C VAL A 66 -4.24 -8.41 14.65
N ASP A 67 -4.18 -9.66 15.13
CA ASP A 67 -4.43 -9.99 16.55
C ASP A 67 -3.32 -9.42 17.44
N ARG A 68 -2.05 -9.55 17.02
CA ARG A 68 -0.91 -9.05 17.81
C ARG A 68 -0.84 -7.53 17.90
N ILE A 69 -1.15 -6.87 16.80
CA ILE A 69 -1.29 -5.43 16.86
C ILE A 69 -2.44 -5.06 17.80
N GLY A 70 -3.61 -5.67 17.67
CA GLY A 70 -4.68 -5.45 18.63
C GLY A 70 -4.28 -5.51 20.10
N ARG A 71 -3.53 -6.56 20.46
CA ARG A 71 -3.11 -6.78 21.86
C ARG A 71 -2.30 -5.59 22.33
N VAL A 72 -1.41 -5.12 21.47
CA VAL A 72 -0.51 -4.04 21.81
C VAL A 72 -1.17 -2.66 21.81
N GLU A 73 -1.95 -2.33 20.77
CA GLU A 73 -2.71 -1.06 20.71
C GLU A 73 -3.53 -0.89 21.97
N SER A 74 -4.18 -1.97 22.42
CA SER A 74 -5.03 -1.92 23.63
C SER A 74 -4.20 -1.86 24.92
N LYS A 75 -3.09 -2.61 24.97
CA LYS A 75 -2.29 -2.68 26.21
C LYS A 75 -1.59 -1.38 26.43
N LEU A 76 -0.95 -0.87 25.39
CA LEU A 76 -0.46 0.52 25.36
C LEU A 76 -1.43 1.52 26.05
N ASP A 77 -2.75 1.31 25.94
CA ASP A 77 -3.73 2.15 26.66
C ASP A 77 -4.16 1.55 27.98
N LYS B 5 20.85 37.74 65.65
CA LYS B 5 20.25 39.08 65.54
C LYS B 5 18.73 38.87 65.35
N PRO B 6 17.87 39.32 66.29
CA PRO B 6 16.38 39.20 66.04
C PRO B 6 15.87 40.00 64.82
N ILE B 7 14.96 39.50 63.99
CA ILE B 7 14.50 40.34 62.79
C ILE B 7 14.02 41.71 63.26
N THR B 8 14.58 42.70 62.61
CA THR B 8 14.29 44.08 62.91
C THR B 8 13.10 44.48 62.06
N LEU B 9 12.37 45.50 62.44
CA LEU B 9 11.41 46.05 61.48
C LEU B 9 12.13 46.46 60.18
N GLU B 10 13.37 46.89 60.32
CA GLU B 10 14.22 47.24 59.09
C GLU B 10 14.60 46.15 58.24
N LYS B 11 14.95 44.98 58.85
CA LYS B 11 15.19 43.82 58.06
C LYS B 11 14.00 43.26 57.31
N LEU B 12 12.86 43.14 58.00
CA LEU B 12 11.73 42.65 57.32
C LEU B 12 11.33 43.58 56.20
N VAL B 13 11.38 44.90 56.41
CA VAL B 13 11.10 45.85 55.26
C VAL B 13 11.81 45.52 54.04
N SER B 14 13.14 45.34 54.18
CA SER B 14 13.97 44.95 53.14
C SER B 14 13.71 43.56 52.62
N MET B 15 13.46 42.58 53.52
CA MET B 15 13.10 41.22 53.03
C MET B 15 11.82 41.18 52.24
N VAL B 16 10.85 42.00 52.67
CA VAL B 16 9.59 42.10 51.86
C VAL B 16 9.87 42.68 50.46
N ALA B 17 10.57 43.83 50.42
CA ALA B 17 10.96 44.37 49.12
C ALA B 17 11.63 43.39 48.14
N VAL B 18 12.74 42.76 48.55
CA VAL B 18 13.42 41.80 47.70
C VAL B 18 12.54 40.58 47.39
N GLY B 19 11.68 40.13 48.31
CA GLY B 19 10.87 38.98 47.99
C GLY B 19 9.81 39.23 46.98
N PHE B 20 9.21 40.37 47.06
CA PHE B 20 8.29 40.66 46.00
C PHE B 20 8.88 40.91 44.70
N ALA B 21 10.08 41.47 44.69
CA ALA B 21 10.73 41.55 43.39
C ALA B 21 11.10 40.18 42.81
N GLU B 22 11.73 39.35 43.64
CA GLU B 22 11.99 38.00 43.17
C GLU B 22 10.87 37.29 42.59
N THR B 23 9.67 37.40 43.23
CA THR B 23 8.50 36.74 42.70
C THR B 23 7.99 37.34 41.47
N LYS B 24 7.93 38.67 41.48
CA LYS B 24 7.40 39.36 40.38
C LYS B 24 8.35 39.17 39.21
N ALA B 25 9.64 38.92 39.48
CA ALA B 25 10.50 38.60 38.34
C ALA B 25 10.27 37.22 37.80
N GLU B 26 10.07 36.22 38.69
CA GLU B 26 9.88 34.87 38.24
C GLU B 26 8.56 34.64 37.54
N THR B 27 7.53 35.32 38.03
CA THR B 27 6.33 35.37 37.24
C THR B 27 6.44 36.04 35.86
N ALA B 28 7.05 37.23 35.74
CA ALA B 28 7.31 37.69 34.40
C ALA B 28 7.97 36.64 33.51
N THR B 29 9.03 35.93 33.98
CA THR B 29 9.63 34.92 33.13
C THR B 29 8.57 33.91 32.65
N ILE B 30 7.76 33.39 33.58
CA ILE B 30 6.78 32.40 33.16
C ILE B 30 5.82 33.01 32.14
N LYS B 31 5.49 34.28 32.37
CA LYS B 31 4.55 34.95 31.48
C LYS B 31 5.10 35.01 30.10
N ALA B 32 6.38 35.41 29.98
CA ALA B 32 7.04 35.49 28.71
C ALA B 32 7.10 34.16 28.02
N GLU B 33 7.54 33.13 28.73
CA GLU B 33 7.58 31.81 28.09
C GLU B 33 6.22 31.37 27.54
N THR B 34 5.19 31.69 28.29
CA THR B 34 3.82 31.35 27.96
C THR B 34 3.36 32.18 26.77
N ALA B 35 3.76 33.45 26.66
CA ALA B 35 3.54 34.17 25.41
C ALA B 35 4.24 33.54 24.19
N THR B 36 5.51 33.12 24.33
CA THR B 36 6.20 32.44 23.24
C THR B 36 5.52 31.11 22.89
N ILE B 37 4.96 30.42 23.88
CA ILE B 37 4.34 29.11 23.63
C ILE B 37 3.12 29.35 22.76
N LYS B 38 2.35 30.36 23.10
CA LYS B 38 1.23 30.77 22.25
C LYS B 38 1.62 31.00 20.79
N LYS B 39 2.69 31.73 20.59
CA LYS B 39 3.13 32.04 19.29
C LYS B 39 3.57 30.71 18.62
N ASP B 40 4.32 29.83 19.31
CA ASP B 40 4.70 28.51 18.70
C ASP B 40 3.47 27.73 18.21
N ILE B 41 2.42 27.77 19.03
CA ILE B 41 1.16 27.09 18.72
C ILE B 41 0.43 27.69 17.52
N ALA B 42 0.41 29.02 17.41
CA ALA B 42 -0.13 29.68 16.18
C ALA B 42 0.61 29.17 14.92
N GLY B 43 1.92 28.99 15.05
CA GLY B 43 2.74 28.44 13.98
C GLY B 43 2.39 26.99 13.66
N MET B 44 1.99 26.21 14.66
CA MET B 44 1.69 24.79 14.39
C MET B 44 0.32 24.62 13.85
N LYS B 45 -0.62 25.39 14.37
CA LYS B 45 -1.95 25.52 13.73
C LYS B 45 -1.91 25.92 12.23
N HIS B 46 -0.92 26.72 11.85
CA HIS B 46 -0.67 27.09 10.46
C HIS B 46 -0.11 25.92 9.70
N ASP B 47 0.89 25.23 10.25
CA ASP B 47 1.47 24.04 9.58
C ASP B 47 0.42 22.94 9.39
N ILE B 48 -0.48 22.78 10.33
CA ILE B 48 -1.60 21.85 10.21
C ILE B 48 -2.53 22.24 9.06
N ALA B 49 -2.95 23.50 9.04
CA ALA B 49 -3.81 24.04 8.00
C ALA B 49 -3.24 23.82 6.61
N GLN B 50 -1.94 24.02 6.48
CA GLN B 50 -1.23 23.76 5.22
C GLN B 50 -1.20 22.28 4.84
N LEU B 51 -1.00 21.38 5.82
CA LEU B 51 -1.09 19.92 5.60
C LEU B 51 -2.48 19.57 5.21
N ASP B 52 -3.48 20.02 5.97
CA ASP B 52 -4.88 19.82 5.60
C ASP B 52 -5.12 20.21 4.13
N LYS B 53 -4.61 21.38 3.75
CA LYS B 53 -4.71 21.91 2.39
C LYS B 53 -4.04 20.98 1.38
N ARG B 54 -2.81 20.57 1.67
CA ARG B 54 -2.08 19.68 0.78
C ARG B 54 -2.85 18.41 0.55
N ILE B 55 -3.45 17.89 1.61
CA ILE B 55 -4.24 16.67 1.53
C ILE B 55 -5.50 16.93 0.70
N ASP B 56 -6.16 18.06 0.89
CA ASP B 56 -7.27 18.44 0.01
C ASP B 56 -6.79 18.33 -1.46
N GLY B 57 -5.60 18.84 -1.75
CA GLY B 57 -4.99 18.72 -3.09
C GLY B 57 -4.80 17.33 -3.62
N LEU B 58 -4.38 16.40 -2.76
CA LEU B 58 -4.27 15.00 -3.10
C LEU B 58 -5.64 14.33 -3.29
N ASP B 59 -6.63 14.70 -2.52
CA ASP B 59 -7.99 14.21 -2.78
C ASP B 59 -8.43 14.52 -4.22
N LYS B 60 -8.11 15.72 -4.70
CA LYS B 60 -8.43 16.12 -6.08
C LYS B 60 -7.65 15.31 -7.12
N LYS B 61 -6.34 15.17 -6.94
CA LYS B 61 -5.53 14.43 -7.90
C LYS B 61 -5.96 12.96 -7.95
N ILE B 62 -6.28 12.39 -6.80
CA ILE B 62 -6.86 11.06 -6.70
C ILE B 62 -8.22 10.95 -7.43
N ALA B 63 -9.08 11.94 -7.27
CA ALA B 63 -10.35 11.94 -8.00
C ALA B 63 -10.07 11.81 -9.51
N ASP B 64 -9.08 12.57 -9.97
CA ASP B 64 -8.70 12.64 -11.37
C ASP B 64 -8.20 11.30 -11.90
N LEU B 65 -7.30 10.65 -11.17
CA LEU B 65 -6.81 9.37 -11.63
C LEU B 65 -7.87 8.31 -11.62
N VAL B 66 -8.74 8.31 -10.61
CA VAL B 66 -9.82 7.32 -10.58
C VAL B 66 -10.72 7.47 -11.82
N ASP B 67 -10.94 8.70 -12.25
CA ASP B 67 -11.71 9.00 -13.49
C ASP B 67 -10.96 8.52 -14.75
N ARG B 68 -9.65 8.76 -14.81
CA ARG B 68 -8.84 8.36 -15.97
C ARG B 68 -8.67 6.83 -16.08
N ILE B 69 -8.53 6.17 -14.95
CA ILE B 69 -8.56 4.73 -14.95
C ILE B 69 -9.94 4.25 -15.42
N GLY B 70 -11.02 4.79 -14.90
CA GLY B 70 -12.36 4.48 -15.46
C GLY B 70 -12.48 4.54 -16.99
N ARG B 71 -11.97 5.62 -17.60
CA ARG B 71 -12.01 5.81 -19.05
C ARG B 71 -11.29 4.68 -19.78
N VAL B 72 -10.14 4.30 -19.23
CA VAL B 72 -9.32 3.23 -19.80
C VAL B 72 -9.85 1.81 -19.56
N GLU B 73 -10.27 1.50 -18.34
CA GLU B 73 -10.91 0.21 -18.06
C GLU B 73 -12.08 -0.04 -19.05
N SER B 74 -12.85 1.01 -19.33
CA SER B 74 -14.02 0.97 -20.24
C SER B 74 -13.74 1.17 -21.73
N LYS B 75 -12.58 1.73 -22.09
CA LYS B 75 -12.12 1.73 -23.49
C LYS B 75 -11.50 0.38 -23.84
N LEU B 76 -10.59 -0.10 -23.01
CA LEU B 76 -10.06 -1.46 -23.10
C LEU B 76 -11.14 -2.52 -23.46
N ASP B 77 -12.38 -2.33 -23.01
CA ASP B 77 -13.49 -3.22 -23.40
C ASP B 77 -14.31 -2.64 -24.55
#